data_3PKX
#
_entry.id   3PKX
#
_cell.length_a   111.195
_cell.length_b   111.195
_cell.length_c   57.067
_cell.angle_alpha   90.00
_cell.angle_beta   90.00
_cell.angle_gamma   120.00
#
_symmetry.space_group_name_H-M   'H 3'
#
loop_
_entity.id
_entity.type
_entity.pdbx_description
1 polymer 'Toxoflavin lyase (TflA)'
2 non-polymer 'MANGANESE (II) ION'
3 non-polymer 1,6-dimethylpyrimido[5,4-e][1,2,4]triazine-5,7(1H,6H)-dione
4 water water
#
_entity_poly.entity_id   1
_entity_poly.type   'polypeptide(L)'
_entity_poly.pdbx_seq_one_letter_code
;MGSDKIHHHHHHSSGENLYFQGHMTSIKQLTLYTAELDRMLAFYTNMLGAQHVHEQADAFTIQLGVSQIQFRAAADGTKP
FYHIAINIAANHFQEGKAWLSGFGELLTENDEDQAYFPFFNAYSCYVEDPSGNIIELISRQQAAPVLDKPFSADQLLSIG
EINITTSDVEQAATRLKQAELPVKLDQIEPAGLNFIGDQDLFLLLGPPGRRWLFSERVAVIYPLQMELDNGVSLAITETG
ELVILEHHHHHH
;
_entity_poly.pdbx_strand_id   A
#
loop_
_chem_comp.id
_chem_comp.type
_chem_comp.name
_chem_comp.formula
MN non-polymer 'MANGANESE (II) ION' 'Mn 2'
TOF non-polymer 1,6-dimethylpyrimido[5,4-e][1,2,4]triazine-5,7(1H,6H)-dione 'C7 H7 N5 O2'
#
# COMPACT_ATOMS: atom_id res chain seq x y z
N SER A 26 13.30 1.13 2.13
CA SER A 26 12.17 0.65 1.34
C SER A 26 11.63 -0.67 1.89
N ILE A 27 10.44 -1.03 1.47
CA ILE A 27 9.84 -2.31 1.88
C ILE A 27 10.32 -3.42 0.96
N LYS A 28 11.05 -4.38 1.53
CA LYS A 28 11.53 -5.52 0.76
C LYS A 28 10.42 -6.55 0.61
N GLN A 29 9.76 -6.84 1.73
CA GLN A 29 8.72 -7.85 1.76
C GLN A 29 7.53 -7.40 2.60
N LEU A 30 6.33 -7.58 2.04
CA LEU A 30 5.08 -7.31 2.76
C LEU A 30 4.15 -8.52 2.68
N THR A 31 3.64 -8.96 3.82
CA THR A 31 2.71 -10.09 3.88
C THR A 31 1.32 -9.64 4.30
N LEU A 32 0.35 -9.91 3.44
CA LEU A 32 -1.03 -9.50 3.62
C LEU A 32 -1.95 -10.72 3.49
N TYR A 33 -3.17 -10.60 3.99
CA TYR A 33 -4.16 -11.67 3.91
C TYR A 33 -5.29 -11.31 2.97
N THR A 34 -5.90 -12.33 2.37
CA THR A 34 -7.02 -12.15 1.47
C THR A 34 -7.98 -13.33 1.53
N ALA A 35 -9.28 -13.01 1.50
CA ALA A 35 -10.33 -14.02 1.46
C ALA A 35 -10.73 -14.37 0.03
N GLU A 36 -10.01 -13.78 -0.95
CA GLU A 36 -10.29 -14.01 -2.36
C GLU A 36 -9.04 -14.45 -3.13
N LEU A 37 -8.34 -15.46 -2.61
CA LEU A 37 -7.06 -15.85 -3.19
C LEU A 37 -7.13 -16.11 -4.70
N ASP A 38 -8.11 -16.89 -5.13
CA ASP A 38 -8.25 -17.22 -6.56
C ASP A 38 -8.47 -16.01 -7.45
N ARG A 39 -9.46 -15.18 -7.09
CA ARG A 39 -9.74 -13.97 -7.87
C ARG A 39 -8.56 -13.00 -7.82
N MET A 40 -7.89 -12.93 -6.68
CA MET A 40 -6.73 -12.04 -6.56
C MET A 40 -5.57 -12.50 -7.43
N LEU A 41 -5.30 -13.80 -7.41
CA LEU A 41 -4.25 -14.34 -8.27
C LEU A 41 -4.51 -14.04 -9.75
N ALA A 42 -5.75 -14.23 -10.19
CA ALA A 42 -6.12 -13.93 -11.58
C ALA A 42 -5.96 -12.44 -11.87
N PHE A 43 -6.45 -11.60 -10.97
CA PHE A 43 -6.39 -10.15 -11.12
C PHE A 43 -4.96 -9.67 -11.29
N TYR A 44 -4.07 -10.10 -10.39
CA TYR A 44 -2.69 -9.63 -10.46
C TYR A 44 -1.89 -10.24 -11.59
N THR A 45 -2.22 -11.48 -11.93
CA THR A 45 -1.57 -12.11 -13.07
C THR A 45 -1.89 -11.31 -14.33
N ASN A 46 -3.15 -10.92 -14.47
CA ASN A 46 -3.57 -10.17 -15.65
C ASN A 46 -3.00 -8.75 -15.67
N MET A 47 -3.01 -8.10 -14.51
CA MET A 47 -2.45 -6.75 -14.38
C MET A 47 -0.93 -6.68 -14.60
N LEU A 48 -0.20 -7.55 -13.92
CA LEU A 48 1.25 -7.43 -13.87
C LEU A 48 1.98 -8.34 -14.85
N GLY A 49 1.30 -9.42 -15.25
CA GLY A 49 1.91 -10.41 -16.10
C GLY A 49 2.49 -11.53 -15.28
N ALA A 50 2.52 -12.72 -15.86
CA ALA A 50 2.98 -13.92 -15.18
C ALA A 50 4.41 -13.80 -14.63
N GLN A 51 5.22 -12.96 -15.26
CA GLN A 51 6.63 -12.83 -14.87
C GLN A 51 6.83 -12.07 -13.56
N HIS A 52 5.75 -11.48 -13.04
CA HIS A 52 5.84 -10.74 -11.77
C HIS A 52 4.97 -11.40 -10.69
N VAL A 53 4.28 -12.46 -11.07
CA VAL A 53 3.31 -13.08 -10.18
C VAL A 53 3.59 -14.57 -10.05
N HIS A 54 3.76 -15.03 -8.82
CA HIS A 54 4.07 -16.42 -8.58
C HIS A 54 3.11 -17.12 -7.61
N GLU A 55 2.44 -18.15 -8.11
CA GLU A 55 1.54 -18.93 -7.30
C GLU A 55 2.35 -19.86 -6.39
N GLN A 56 1.98 -19.87 -5.11
CA GLN A 56 2.60 -20.73 -4.12
C GLN A 56 1.52 -21.61 -3.50
N ALA A 57 1.81 -22.17 -2.33
CA ALA A 57 0.81 -22.97 -1.64
C ALA A 57 -0.04 -22.09 -0.71
N ASP A 58 -1.32 -21.95 -1.04
CA ASP A 58 -2.26 -21.15 -0.24
C ASP A 58 -1.79 -19.71 -0.10
N ALA A 59 -1.07 -19.26 -1.13
CA ALA A 59 -0.54 -17.91 -1.17
C ALA A 59 -0.01 -17.66 -2.58
N PHE A 60 0.27 -16.40 -2.89
CA PHE A 60 0.99 -16.08 -4.10
C PHE A 60 1.74 -14.77 -3.86
N THR A 61 2.78 -14.52 -4.64
CA THR A 61 3.53 -13.27 -4.52
C THR A 61 3.35 -12.40 -5.74
N ILE A 62 3.50 -11.09 -5.55
CA ILE A 62 3.62 -10.17 -6.66
C ILE A 62 4.87 -9.33 -6.46
N GLN A 63 5.56 -9.02 -7.56
CA GLN A 63 6.75 -8.20 -7.45
C GLN A 63 6.45 -6.82 -7.99
N LEU A 64 6.68 -5.81 -7.15
CA LEU A 64 6.44 -4.43 -7.51
C LEU A 64 7.77 -3.70 -7.43
N GLY A 65 8.55 -3.77 -8.50
CA GLY A 65 9.89 -3.21 -8.49
C GLY A 65 10.72 -3.89 -7.44
N VAL A 66 11.21 -3.12 -6.47
CA VAL A 66 12.06 -3.67 -5.41
C VAL A 66 11.26 -4.16 -4.20
N SER A 67 9.94 -4.15 -4.31
CA SER A 67 9.08 -4.60 -3.23
C SER A 67 8.27 -5.83 -3.63
N GLN A 68 8.19 -6.80 -2.71
CA GLN A 68 7.37 -7.99 -2.93
C GLN A 68 6.22 -8.01 -1.95
N ILE A 69 5.03 -8.40 -2.41
CA ILE A 69 3.91 -8.66 -1.52
C ILE A 69 3.51 -10.11 -1.64
N GLN A 70 3.40 -10.78 -0.49
CA GLN A 70 2.85 -12.13 -0.45
C GLN A 70 1.44 -12.01 0.08
N PHE A 71 0.46 -12.49 -0.70
CA PHE A 71 -0.91 -12.58 -0.26
C PHE A 71 -1.16 -14.01 0.21
N ARG A 72 -1.59 -14.14 1.46
CA ARG A 72 -1.94 -15.42 2.06
C ARG A 72 -3.44 -15.55 2.28
N ALA A 73 -3.93 -16.78 2.29
CA ALA A 73 -5.33 -17.03 2.56
C ALA A 73 -5.77 -16.49 3.91
N ALA A 74 -6.88 -15.77 3.93
CA ALA A 74 -7.41 -15.22 5.17
C ALA A 74 -8.14 -16.27 5.97
N ALA A 75 -8.25 -16.04 7.27
CA ALA A 75 -9.08 -16.86 8.11
C ALA A 75 -10.53 -16.78 7.65
N ASP A 76 -11.25 -17.91 7.72
CA ASP A 76 -12.68 -17.88 7.45
C ASP A 76 -13.38 -16.88 8.33
N GLY A 77 -14.42 -16.25 7.82
CA GLY A 77 -15.18 -15.28 8.58
C GLY A 77 -14.53 -13.89 8.59
N THR A 78 -13.43 -13.74 7.86
CA THR A 78 -12.77 -12.43 7.74
C THR A 78 -12.62 -12.03 6.28
N LYS A 79 -12.60 -10.73 6.05
CA LYS A 79 -12.41 -10.18 4.70
C LYS A 79 -11.37 -9.08 4.71
N PRO A 80 -10.10 -9.45 4.91
CA PRO A 80 -9.04 -8.45 5.07
C PRO A 80 -8.88 -7.59 3.83
N PHE A 81 -8.61 -6.29 4.05
CA PHE A 81 -8.18 -5.40 2.97
C PHE A 81 -7.28 -4.34 3.58
N TYR A 82 -6.56 -3.65 2.71
CA TYR A 82 -5.54 -2.68 3.10
C TYR A 82 -5.50 -1.58 2.07
N HIS A 83 -4.74 -0.53 2.38
CA HIS A 83 -4.43 0.49 1.40
C HIS A 83 -2.96 0.40 1.04
N ILE A 84 -2.69 0.17 -0.25
CA ILE A 84 -1.34 -0.01 -0.76
C ILE A 84 -1.11 1.02 -1.84
N ALA A 85 -0.07 1.85 -1.71
CA ALA A 85 0.32 2.72 -2.81
C ALA A 85 1.62 2.22 -3.41
N ILE A 86 1.69 2.32 -4.74
CA ILE A 86 2.84 1.84 -5.50
C ILE A 86 3.52 3.05 -6.16
N ASN A 87 4.80 3.26 -5.87
CA ASN A 87 5.57 4.33 -6.49
C ASN A 87 5.72 4.14 -7.99
N ILE A 88 5.46 5.19 -8.76
CA ILE A 88 5.82 5.20 -10.18
C ILE A 88 6.64 6.47 -10.48
N ALA A 89 7.28 6.49 -11.64
CA ALA A 89 8.18 7.60 -11.96
C ALA A 89 7.46 8.95 -12.00
N ALA A 90 8.23 10.02 -11.78
CA ALA A 90 7.71 11.38 -11.77
C ALA A 90 6.98 11.71 -13.06
N ASN A 91 7.45 11.19 -14.19
CA ASN A 91 6.88 11.54 -15.48
C ASN A 91 5.87 10.55 -16.02
N HIS A 92 5.50 9.57 -15.19
CA HIS A 92 4.70 8.45 -15.66
C HIS A 92 3.24 8.48 -15.21
N PHE A 93 2.79 9.59 -14.64
CA PHE A 93 1.45 9.56 -14.05
C PHE A 93 0.32 9.37 -15.06
N GLN A 94 0.32 10.13 -16.17
CA GLN A 94 -0.83 10.01 -17.06
C GLN A 94 -0.91 8.61 -17.68
N GLU A 95 0.24 8.06 -18.09
CA GLU A 95 0.28 6.68 -18.57
C GLU A 95 -0.13 5.68 -17.48
N GLY A 96 0.32 5.94 -16.25
CA GLY A 96 0.01 5.05 -15.14
C GLY A 96 -1.49 5.03 -14.89
N LYS A 97 -2.10 6.22 -14.89
CA LYS A 97 -3.54 6.35 -14.70
C LYS A 97 -4.31 5.64 -15.82
N ALA A 98 -3.85 5.79 -17.06
CA ALA A 98 -4.54 5.14 -18.17
C ALA A 98 -4.43 3.62 -18.05
N TRP A 99 -3.24 3.16 -17.68
CA TRP A 99 -2.95 1.76 -17.50
C TRP A 99 -3.84 1.18 -16.37
N LEU A 100 -3.85 1.85 -15.23
CA LEU A 100 -4.62 1.36 -14.08
C LEU A 100 -6.11 1.24 -14.43
N SER A 101 -6.60 2.18 -15.25
CA SER A 101 -8.02 2.18 -15.60
CA SER A 101 -8.01 2.21 -15.64
C SER A 101 -8.45 0.97 -16.42
N GLY A 102 -7.48 0.23 -16.96
CA GLY A 102 -7.79 -0.95 -17.73
C GLY A 102 -8.16 -2.15 -16.87
N PHE A 103 -7.94 -2.01 -15.57
CA PHE A 103 -8.13 -3.14 -14.66
C PHE A 103 -9.32 -2.97 -13.73
N GLY A 104 -9.91 -1.79 -13.76
CA GLY A 104 -11.10 -1.50 -12.98
C GLY A 104 -11.45 -0.03 -13.10
N GLU A 105 -12.66 0.33 -12.70
CA GLU A 105 -13.07 1.71 -12.72
C GLU A 105 -12.20 2.49 -11.73
N LEU A 106 -11.64 3.61 -12.16
CA LEU A 106 -10.86 4.43 -11.25
C LEU A 106 -11.78 4.89 -10.12
N LEU A 107 -11.27 4.84 -8.89
CA LEU A 107 -12.00 5.37 -7.76
C LEU A 107 -12.01 6.89 -7.83
N THR A 108 -13.01 7.51 -7.21
CA THR A 108 -13.08 8.96 -7.16
C THR A 108 -13.33 9.44 -5.74
N GLU A 109 -12.93 10.68 -5.48
CA GLU A 109 -13.21 11.35 -4.23
C GLU A 109 -13.57 12.79 -4.59
N ASN A 110 -14.71 13.26 -4.09
CA ASN A 110 -15.20 14.58 -4.42
C ASN A 110 -15.29 14.76 -5.94
N ASP A 111 -15.72 13.68 -6.60
CA ASP A 111 -15.97 13.66 -8.05
C ASP A 111 -14.70 13.69 -8.91
N GLU A 112 -13.53 13.63 -8.28
CA GLU A 112 -12.26 13.63 -9.02
C GLU A 112 -11.65 12.22 -9.09
N ASP A 113 -11.17 11.83 -10.27
CA ASP A 113 -10.58 10.50 -10.46
C ASP A 113 -9.05 10.48 -10.32
N GLN A 114 -8.51 11.53 -9.72
CA GLN A 114 -7.13 11.58 -9.31
C GLN A 114 -6.98 12.60 -8.20
N ALA A 115 -5.84 12.60 -7.52
CA ALA A 115 -5.57 13.57 -6.48
C ALA A 115 -4.21 14.17 -6.70
N TYR A 116 -4.07 15.44 -6.31
CA TYR A 116 -2.77 16.02 -6.09
C TYR A 116 -2.60 16.24 -4.60
N PHE A 117 -1.51 15.70 -4.06
CA PHE A 117 -1.25 15.84 -2.63
C PHE A 117 -0.06 16.76 -2.39
N PRO A 118 -0.32 18.01 -2.01
CA PRO A 118 0.78 18.95 -1.90
C PRO A 118 1.88 18.53 -0.91
N PHE A 119 1.53 17.82 0.16
CA PHE A 119 2.55 17.45 1.14
C PHE A 119 3.57 16.48 0.54
N PHE A 120 3.10 15.59 -0.33
CA PHE A 120 3.98 14.66 -1.03
C PHE A 120 4.39 15.20 -2.40
N ASN A 121 3.85 16.36 -2.78
CA ASN A 121 4.02 16.86 -4.14
C ASN A 121 3.89 15.70 -5.13
N ALA A 122 2.75 15.03 -5.08
CA ALA A 122 2.57 13.78 -5.81
C ALA A 122 1.18 13.74 -6.41
N TYR A 123 1.05 13.03 -7.54
CA TYR A 123 -0.24 12.76 -8.15
C TYR A 123 -0.58 11.31 -7.89
N SER A 124 -1.85 11.05 -7.60
CA SER A 124 -2.32 9.70 -7.29
C SER A 124 -3.60 9.32 -8.02
N CYS A 125 -3.71 8.04 -8.35
CA CYS A 125 -4.96 7.48 -8.85
C CYS A 125 -5.16 6.14 -8.19
N TYR A 126 -6.38 5.61 -8.28
CA TYR A 126 -6.80 4.52 -7.40
C TYR A 126 -7.73 3.55 -8.08
N VAL A 127 -7.59 2.27 -7.73
CA VAL A 127 -8.55 1.26 -8.12
C VAL A 127 -8.73 0.27 -6.97
N GLU A 128 -9.86 -0.42 -6.98
CA GLU A 128 -10.14 -1.47 -5.99
CA GLU A 128 -10.11 -1.47 -5.99
C GLU A 128 -9.80 -2.83 -6.59
N ASP A 129 -9.11 -3.68 -5.82
CA ASP A 129 -8.86 -5.04 -6.29
C ASP A 129 -9.99 -5.99 -5.80
N PRO A 130 -9.92 -7.29 -6.16
CA PRO A 130 -11.02 -8.19 -5.80
C PRO A 130 -11.29 -8.31 -4.30
N SER A 131 -10.31 -8.00 -3.44
CA SER A 131 -10.52 -8.05 -1.99
C SER A 131 -10.97 -6.74 -1.41
N GLY A 132 -11.06 -5.71 -2.25
CA GLY A 132 -11.38 -4.39 -1.78
C GLY A 132 -10.16 -3.62 -1.31
N ASN A 133 -8.96 -4.16 -1.58
CA ASN A 133 -7.77 -3.35 -1.33
C ASN A 133 -7.83 -2.08 -2.16
N ILE A 134 -7.42 -0.99 -1.55
CA ILE A 134 -7.39 0.31 -2.20
C ILE A 134 -5.98 0.46 -2.76
N ILE A 135 -5.89 0.23 -4.06
CA ILE A 135 -4.60 0.19 -4.76
C ILE A 135 -4.37 1.52 -5.45
N GLU A 136 -3.30 2.19 -5.05
CA GLU A 136 -2.97 3.53 -5.56
C GLU A 136 -1.67 3.49 -6.35
N LEU A 137 -1.63 4.24 -7.45
CA LEU A 137 -0.35 4.59 -8.06
C LEU A 137 -0.04 6.01 -7.62
N ILE A 138 1.14 6.22 -7.06
CA ILE A 138 1.56 7.54 -6.64
C ILE A 138 2.81 7.95 -7.40
N SER A 139 2.74 9.13 -8.03
CA SER A 139 3.83 9.67 -8.83
C SER A 139 4.40 10.88 -8.11
N ARG A 140 5.50 10.69 -7.39
CA ARG A 140 6.11 11.74 -6.62
C ARG A 140 6.89 12.65 -7.57
N GLN A 141 6.51 13.92 -7.61
CA GLN A 141 6.98 14.82 -8.68
C GLN A 141 8.43 15.19 -8.53
N GLN A 142 8.94 15.23 -7.31
CA GLN A 142 10.38 15.45 -7.12
C GLN A 142 11.07 14.30 -6.38
N ALA A 143 10.29 13.46 -5.73
CA ALA A 143 10.85 12.38 -4.91
C ALA A 143 10.84 11.04 -5.64
N ALA A 144 10.65 11.10 -6.96
CA ALA A 144 10.76 9.93 -7.83
C ALA A 144 11.56 10.34 -9.05
N PRO A 145 12.23 9.37 -9.69
CA PRO A 145 13.06 9.71 -10.85
C PRO A 145 12.23 10.00 -12.09
N VAL A 146 12.82 10.70 -13.05
CA VAL A 146 12.26 10.82 -14.38
C VAL A 146 12.86 9.72 -15.24
N LEU A 147 12.02 8.80 -15.70
CA LEU A 147 12.48 7.70 -16.53
C LEU A 147 12.03 7.96 -17.95
N ASP A 148 12.97 8.29 -18.83
CA ASP A 148 12.60 8.65 -20.19
C ASP A 148 12.39 7.39 -21.03
N LYS A 149 11.25 6.75 -20.81
CA LYS A 149 10.86 5.55 -21.49
C LYS A 149 9.37 5.39 -21.24
N PRO A 150 8.70 4.55 -22.03
CA PRO A 150 7.27 4.37 -21.81
C PRO A 150 7.00 3.69 -20.48
N PHE A 151 5.92 4.06 -19.82
CA PHE A 151 5.47 3.32 -18.65
C PHE A 151 4.92 1.98 -19.08
N SER A 152 5.06 1.00 -18.21
CA SER A 152 4.38 -0.29 -18.39
C SER A 152 4.32 -0.97 -17.03
N ALA A 153 3.73 -2.17 -17.02
CA ALA A 153 3.67 -2.99 -15.81
C ALA A 153 5.05 -3.34 -15.25
N ASP A 154 6.09 -3.21 -16.07
CA ASP A 154 7.45 -3.44 -15.62
C ASP A 154 8.09 -2.21 -14.99
N GLN A 155 7.35 -1.11 -14.92
CA GLN A 155 7.91 0.15 -14.44
C GLN A 155 7.39 0.58 -13.07
N LEU A 156 6.82 -0.35 -12.33
CA LEU A 156 6.42 -0.09 -10.94
C LEU A 156 7.69 -0.12 -10.10
N LEU A 157 7.91 0.89 -9.26
CA LEU A 157 9.21 1.05 -8.64
C LEU A 157 9.36 0.39 -7.29
N SER A 158 8.33 0.50 -6.46
CA SER A 158 8.36 0.00 -5.09
C SER A 158 7.02 0.28 -4.44
N ILE A 159 6.81 -0.24 -3.23
CA ILE A 159 5.65 0.14 -2.44
C ILE A 159 5.93 1.53 -1.84
N GLY A 160 5.04 2.48 -2.09
CA GLY A 160 5.19 3.84 -1.58
C GLY A 160 4.41 4.12 -0.29
N GLU A 161 3.36 3.33 -0.04
CA GLU A 161 2.55 3.47 1.17
C GLU A 161 1.95 2.13 1.55
N ILE A 162 1.81 1.92 2.85
CA ILE A 162 0.97 0.85 3.37
C ILE A 162 0.37 1.37 4.67
N ASN A 163 -0.89 1.04 4.92
CA ASN A 163 -1.51 1.42 6.19
C ASN A 163 -1.00 0.58 7.35
N ILE A 164 -0.77 1.26 8.47
CA ILE A 164 -0.52 0.60 9.73
C ILE A 164 -1.70 0.97 10.62
N THR A 165 -2.73 0.16 10.56
CA THR A 165 -3.97 0.41 11.29
C THR A 165 -3.91 -0.35 12.59
N THR A 166 -3.87 0.37 13.70
CA THR A 166 -3.52 -0.23 14.98
C THR A 166 -4.49 0.11 16.09
N SER A 167 -4.51 -0.73 17.11
CA SER A 167 -5.36 -0.55 18.28
C SER A 167 -4.72 0.44 19.26
N ASP A 168 -3.48 0.81 19.01
CA ASP A 168 -2.76 1.75 19.87
C ASP A 168 -1.74 2.54 19.06
N VAL A 169 -2.17 3.71 18.56
CA VAL A 169 -1.32 4.56 17.73
C VAL A 169 -0.07 5.01 18.48
N GLU A 170 -0.24 5.50 19.71
CA GLU A 170 0.92 5.97 20.46
C GLU A 170 1.95 4.87 20.67
N GLN A 171 1.50 3.70 21.12
CA GLN A 171 2.40 2.57 21.28
C GLN A 171 3.08 2.24 19.95
N ALA A 172 2.29 2.20 18.89
CA ALA A 172 2.83 1.89 17.57
C ALA A 172 3.87 2.92 17.14
N ALA A 173 3.56 4.20 17.34
CA ALA A 173 4.49 5.27 16.96
C ALA A 173 5.78 5.16 17.74
N THR A 174 5.67 4.83 19.02
CA THR A 174 6.82 4.69 19.90
C THR A 174 7.74 3.55 19.47
N ARG A 175 7.15 2.39 19.19
CA ARG A 175 7.92 1.22 18.76
C ARG A 175 8.56 1.44 17.38
N LEU A 176 7.87 2.18 16.52
CA LEU A 176 8.41 2.50 15.20
C LEU A 176 9.62 3.43 15.29
N LYS A 177 9.64 4.25 16.33
CA LYS A 177 10.78 5.13 16.59
C LYS A 177 11.92 4.28 17.18
N GLN A 178 11.58 3.42 18.13
CA GLN A 178 12.53 2.48 18.71
C GLN A 178 13.09 1.54 17.64
N ALA A 179 12.46 1.53 16.46
CA ALA A 179 12.92 0.71 15.35
C ALA A 179 13.78 1.53 14.40
N GLU A 180 14.00 2.80 14.77
CA GLU A 180 14.85 3.71 14.02
C GLU A 180 14.18 4.32 12.78
N LEU A 181 12.86 4.46 12.83
CA LEU A 181 12.13 5.17 11.78
C LEU A 181 11.93 6.63 12.17
N PRO A 182 11.83 7.51 11.16
CA PRO A 182 11.63 8.95 11.45
C PRO A 182 10.25 9.23 12.01
N VAL A 183 10.19 9.48 13.32
CA VAL A 183 8.93 9.76 14.00
C VAL A 183 9.06 10.94 14.95
N LYS A 184 8.15 11.90 14.83
CA LYS A 184 8.05 12.98 15.80
C LYS A 184 6.92 12.65 16.77
N LEU A 185 7.28 12.08 17.91
CA LEU A 185 6.29 11.61 18.87
C LEU A 185 5.28 12.67 19.32
N ASP A 186 5.72 13.92 19.42
CA ASP A 186 4.83 14.99 19.88
C ASP A 186 3.82 15.42 18.81
N GLN A 187 4.06 15.02 17.57
CA GLN A 187 3.16 15.34 16.46
C GLN A 187 2.13 14.25 16.20
N ILE A 188 2.26 13.12 16.89
CA ILE A 188 1.39 11.96 16.65
C ILE A 188 -0.04 12.21 17.13
N GLU A 189 -1.00 12.01 16.22
CA GLU A 189 -2.42 12.13 16.52
C GLU A 189 -3.08 10.76 16.66
N PRO A 190 -3.32 10.31 17.90
CA PRO A 190 -3.85 8.95 18.11
C PRO A 190 -5.20 8.71 17.45
N ALA A 191 -5.93 9.75 17.11
CA ALA A 191 -7.24 9.60 16.48
C ALA A 191 -7.24 9.92 14.99
N GLY A 192 -6.06 10.20 14.44
CA GLY A 192 -5.97 10.55 13.04
C GLY A 192 -4.89 9.77 12.31
N LEU A 193 -4.74 10.08 11.02
CA LEU A 193 -3.74 9.44 10.19
C LEU A 193 -2.42 10.18 10.36
N ASN A 194 -1.35 9.41 10.53
CA ASN A 194 -0.02 9.95 10.72
C ASN A 194 0.90 9.43 9.63
N PHE A 195 1.50 10.34 8.85
CA PHE A 195 2.47 9.97 7.83
C PHE A 195 3.84 9.73 8.45
N ILE A 196 4.27 8.47 8.45
CA ILE A 196 5.57 8.11 9.01
C ILE A 196 6.55 7.71 7.92
N GLY A 197 7.57 8.52 7.72
CA GLY A 197 8.59 8.24 6.74
C GLY A 197 9.06 9.50 6.05
N ASP A 198 9.68 9.33 4.89
CA ASP A 198 10.10 10.46 4.08
C ASP A 198 10.58 9.90 2.75
N GLN A 199 11.06 10.79 1.88
CA GLN A 199 11.48 10.37 0.56
C GLN A 199 10.30 9.71 -0.16
N ASP A 200 10.38 8.42 -0.45
CA ASP A 200 9.34 7.77 -1.26
C ASP A 200 8.56 6.64 -0.56
N LEU A 201 8.71 6.51 0.74
CA LEU A 201 7.94 5.51 1.48
C LEU A 201 7.33 6.09 2.75
N PHE A 202 6.02 5.96 2.88
CA PHE A 202 5.35 6.40 4.10
C PHE A 202 4.46 5.31 4.67
N LEU A 203 4.55 5.10 5.98
CA LEU A 203 3.62 4.22 6.66
C LEU A 203 2.44 5.08 7.11
N LEU A 204 1.22 4.64 6.81
CA LEU A 204 0.05 5.44 7.14
C LEU A 204 -0.54 4.91 8.45
N LEU A 205 -0.03 5.47 9.54
CA LEU A 205 -0.32 5.00 10.89
C LEU A 205 -1.56 5.70 11.42
N GLY A 206 -2.57 4.91 11.77
CA GLY A 206 -3.78 5.48 12.34
C GLY A 206 -4.68 4.43 12.94
N PRO A 207 -5.84 4.85 13.45
CA PRO A 207 -6.77 3.95 14.13
C PRO A 207 -7.78 3.40 13.15
N PRO A 208 -8.48 2.33 13.52
CA PRO A 208 -9.61 1.86 12.71
C PRO A 208 -10.73 2.90 12.78
N GLY A 209 -11.66 2.84 11.83
CA GLY A 209 -12.83 3.70 11.88
C GLY A 209 -12.81 4.85 10.89
N ARG A 210 -11.60 5.33 10.59
CA ARG A 210 -11.42 6.46 9.67
C ARG A 210 -11.67 5.98 8.24
N ARG A 211 -12.60 6.62 7.54
CA ARG A 211 -12.85 6.24 6.14
C ARG A 211 -11.64 6.56 5.27
N TRP A 212 -11.28 5.62 4.41
CA TRP A 212 -10.18 5.86 3.47
C TRP A 212 -10.65 6.76 2.34
N LEU A 213 -9.88 7.79 2.05
CA LEU A 213 -10.12 8.61 0.86
C LEU A 213 -10.22 7.70 -0.37
N PHE A 214 -11.11 8.08 -1.29
CA PHE A 214 -11.37 7.34 -2.53
C PHE A 214 -12.15 6.01 -2.35
N SER A 215 -12.58 5.71 -1.13
CA SER A 215 -13.22 4.44 -0.83
C SER A 215 -14.44 4.61 0.05
N GLU A 216 -15.38 3.67 -0.05
CA GLU A 216 -16.48 3.59 0.91
C GLU A 216 -16.02 2.93 2.21
N ARG A 217 -14.87 2.25 2.17
CA ARG A 217 -14.44 1.45 3.30
C ARG A 217 -13.77 2.24 4.43
N VAL A 218 -14.22 1.97 5.65
CA VAL A 218 -13.57 2.51 6.82
C VAL A 218 -12.42 1.60 7.24
N ALA A 219 -11.36 2.21 7.78
CA ALA A 219 -10.19 1.45 8.18
C ALA A 219 -10.57 0.41 9.22
N VAL A 220 -10.03 -0.79 9.04
CA VAL A 220 -10.25 -1.91 9.92
C VAL A 220 -8.92 -2.57 10.18
N ILE A 221 -8.71 -3.02 11.41
CA ILE A 221 -7.49 -3.74 11.77
C ILE A 221 -7.45 -5.14 11.17
N TYR A 222 -6.41 -5.41 10.40
CA TYR A 222 -6.12 -6.75 9.86
C TYR A 222 -4.63 -7.01 10.04
N PRO A 223 -4.27 -8.28 10.24
CA PRO A 223 -2.85 -8.57 10.48
C PRO A 223 -2.03 -8.37 9.22
N LEU A 224 -0.75 -8.10 9.41
CA LEU A 224 0.22 -8.07 8.33
C LEU A 224 1.62 -8.22 8.90
N GLN A 225 2.59 -8.44 8.03
CA GLN A 225 4.02 -8.44 8.38
C GLN A 225 4.79 -7.65 7.33
N MET A 226 5.95 -7.12 7.72
CA MET A 226 6.71 -6.26 6.86
C MET A 226 8.21 -6.37 7.12
N GLU A 227 8.99 -6.46 6.05
CA GLU A 227 10.43 -6.43 6.18
CA GLU A 227 10.44 -6.46 6.15
C GLU A 227 11.02 -5.29 5.35
N LEU A 228 11.70 -4.37 6.03
CA LEU A 228 12.33 -3.25 5.34
C LEU A 228 13.71 -3.65 4.83
N ASP A 229 14.21 -2.92 3.85
CA ASP A 229 15.49 -3.26 3.23
C ASP A 229 16.64 -3.26 4.26
N ASN A 230 16.47 -2.47 5.32
CA ASN A 230 17.50 -2.36 6.35
C ASN A 230 17.44 -3.45 7.42
N GLY A 231 16.68 -4.51 7.14
CA GLY A 231 16.64 -5.65 8.02
C GLY A 231 15.56 -5.63 9.10
N VAL A 232 15.00 -4.46 9.38
CA VAL A 232 13.99 -4.36 10.43
C VAL A 232 12.72 -5.10 10.03
N SER A 233 12.17 -5.86 10.98
CA SER A 233 10.98 -6.66 10.75
C SER A 233 9.87 -6.24 11.72
N LEU A 234 8.67 -6.05 11.20
CA LEU A 234 7.56 -5.66 12.05
C LEU A 234 6.26 -6.36 11.64
N ALA A 235 5.31 -6.41 12.58
CA ALA A 235 4.06 -7.11 12.35
C ALA A 235 2.91 -6.43 13.08
N ILE A 236 1.72 -6.56 12.52
CA ILE A 236 0.50 -6.11 13.19
C ILE A 236 -0.33 -7.36 13.46
N THR A 237 -0.64 -7.62 14.73
CA THR A 237 -1.43 -8.79 15.07
C THR A 237 -2.87 -8.55 14.66
N GLU A 238 -3.71 -9.57 14.76
CA GLU A 238 -5.07 -9.45 14.27
C GLU A 238 -5.91 -8.55 15.18
N THR A 239 -5.37 -8.21 16.35
CA THR A 239 -6.07 -7.30 17.26
C THR A 239 -5.49 -5.88 17.18
N GLY A 240 -4.47 -5.70 16.35
CA GLY A 240 -3.99 -4.37 16.02
C GLY A 240 -2.72 -3.92 16.69
N GLU A 241 -2.02 -4.84 17.36
CA GLU A 241 -0.80 -4.46 18.06
C GLU A 241 0.40 -4.45 17.13
N LEU A 242 1.07 -3.31 17.02
CA LEU A 242 2.32 -3.26 16.27
C LEU A 242 3.46 -3.79 17.12
N VAL A 243 4.17 -4.78 16.60
CA VAL A 243 5.31 -5.36 17.29
C VAL A 243 6.52 -5.36 16.37
N ILE A 244 7.71 -5.45 16.96
CA ILE A 244 8.94 -5.40 16.20
C ILE A 244 9.64 -6.75 16.19
MN MN B . -2.46 6.76 -0.32
C1 TOF C . -4.76 8.44 0.77
O1 TOF C . -4.31 7.87 -0.22
C2 TOF C . -4.28 9.67 1.32
O2 TOF C . -7.35 7.94 3.24
N3 TOF C . -3.19 10.29 0.66
C4 TOF C . -2.74 11.48 1.18
N5 TOF C . -3.24 12.06 2.25
N6 TOF C . -4.30 11.43 2.92
C7 TOF C . -4.82 10.25 2.45
N8 TOF C . -5.88 9.63 3.10
C9 TOF C . -6.41 8.41 2.62
N10 TOF C . -5.85 7.84 1.48
C11 TOF C . -4.81 12.15 4.09
C12 TOF C . -6.42 6.60 0.97
#